data_8ISQ
#
_entry.id   8ISQ
#
_cell.length_a   61.350
_cell.length_b   61.350
_cell.length_c   140.270
_cell.angle_alpha   90.000
_cell.angle_beta   90.000
_cell.angle_gamma   90.000
#
_symmetry.space_group_name_H-M   'P 41 21 2'
#
loop_
_entity.id
_entity.type
_entity.pdbx_description
1 polymer Beta-lactamase
2 non-polymer '(2R,4S)-2-[(R)-{[(2R)-2-amino-2-phenylacetyl]amino}(carboxy)methyl]-5,5-dimethyl-1,3-thiazolidine-4-carboxylic acid'
3 non-polymer 2-[BIS-(2-HYDROXY-ETHYL)-AMINO]-2-HYDROXYMETHYL-PROPANE-1,3-DIOL
4 non-polymer GLYCEROL
5 water water
#
_entity_poly.entity_id   1
_entity_poly.type   'polypeptide(L)'
_entity_poly.pdbx_seq_one_letter_code
;GSHMPAAVSDADFATLEKTSGGRLGVCLWHPASGARYGHRMDERFPMCSTVKFPLAAAILHRVDAGKLSLDQRVAVRQGD
IISHSPFTERHVGKDMTVRDLCRATLIISDNAAANLLLPLIDGPAGLTAFLQAQGDRITVSARNQPELNHFAPGDPRDTT
SPAAMAGNLQRFLLGDVLSPASRQQLADWLIDNQTGDARLRAGLPQGWRVGDKTGSNGQDTSNDIAALWPLAGGAPWLLS
CYLQGSALDDDGRDGILRQVGELAGARLG
;
_entity_poly.pdbx_strand_id   A
#
# COMPACT_ATOMS: atom_id res chain seq x y z
N VAL A 8 13.75 -9.24 15.64
CA VAL A 8 14.87 -10.16 15.46
C VAL A 8 14.40 -11.61 15.32
N SER A 9 13.17 -11.90 15.74
CA SER A 9 12.61 -13.24 15.59
C SER A 9 11.12 -13.12 15.33
N ASP A 10 10.53 -14.21 14.83
CA ASP A 10 9.08 -14.27 14.64
C ASP A 10 8.34 -14.12 15.96
N ALA A 11 8.90 -14.64 17.06
CA ALA A 11 8.23 -14.57 18.35
C ALA A 11 7.93 -13.13 18.75
N ASP A 12 8.82 -12.19 18.41
CA ASP A 12 8.67 -10.81 18.87
C ASP A 12 7.39 -10.16 18.32
N PHE A 13 7.03 -10.48 17.07
CA PHE A 13 5.80 -9.92 16.50
C PHE A 13 4.55 -10.57 17.09
N ALA A 14 4.60 -11.89 17.30
CA ALA A 14 3.49 -12.57 17.96
C ALA A 14 3.23 -11.98 19.35
N THR A 15 4.31 -11.65 20.08
CA THR A 15 4.16 -11.01 21.37
C THR A 15 3.54 -9.62 21.23
N LEU A 16 3.95 -8.86 20.20
CA LEU A 16 3.40 -7.53 20.00
C LEU A 16 1.90 -7.59 19.71
N GLU A 17 1.45 -8.64 19.01
CA GLU A 17 0.03 -8.78 18.71
C GLU A 17 -0.81 -8.80 19.98
N LYS A 18 -0.30 -9.42 21.06
CA LYS A 18 -1.09 -9.57 22.28
C LYS A 18 -1.58 -8.21 22.80
N THR A 19 -0.72 -7.19 22.75
CA THR A 19 -1.09 -5.85 23.15
C THR A 19 -1.70 -5.03 22.02
N SER A 20 -1.83 -5.62 20.83
CA SER A 20 -2.29 -4.88 19.67
C SER A 20 -3.80 -4.72 19.61
N GLY A 21 -4.55 -5.48 20.40
CA GLY A 21 -6.00 -5.39 20.40
C GLY A 21 -6.71 -6.24 19.36
N GLY A 22 -6.01 -6.81 18.38
CA GLY A 22 -6.69 -7.55 17.34
C GLY A 22 -5.78 -8.50 16.59
N ARG A 23 -5.92 -8.55 15.26
CA ARG A 23 -5.16 -9.49 14.43
C ARG A 23 -4.05 -8.72 13.71
N LEU A 24 -2.81 -8.95 14.13
CA LEU A 24 -1.63 -8.28 13.57
C LEU A 24 -0.96 -9.19 12.55
N GLY A 25 -0.70 -8.66 11.36
CA GLY A 25 0.02 -9.37 10.31
C GLY A 25 1.21 -8.58 9.81
N VAL A 26 2.40 -9.15 9.91
CA VAL A 26 3.65 -8.45 9.63
C VAL A 26 4.50 -9.33 8.73
N CYS A 27 5.08 -8.75 7.68
CA CYS A 27 6.07 -9.42 6.84
C CYS A 27 7.27 -8.49 6.62
N LEU A 28 8.39 -8.77 7.30
CA LEU A 28 9.65 -8.09 7.10
C LEU A 28 10.55 -8.99 6.25
N TRP A 29 10.90 -8.52 5.05
CA TRP A 29 11.54 -9.39 4.07
C TRP A 29 12.69 -8.67 3.39
N HIS A 30 13.83 -9.37 3.29
CA HIS A 30 15.05 -8.86 2.65
C HIS A 30 15.34 -9.72 1.44
N PRO A 31 14.88 -9.32 0.26
CA PRO A 31 15.04 -10.21 -0.92
C PRO A 31 16.49 -10.58 -1.21
N ALA A 32 17.45 -9.68 -0.94
CA ALA A 32 18.82 -9.97 -1.35
C ALA A 32 19.48 -11.02 -0.46
N SER A 33 19.02 -11.17 0.78
CA SER A 33 19.53 -12.24 1.63
C SER A 33 18.55 -13.37 1.84
N GLY A 34 17.27 -13.18 1.52
CA GLY A 34 16.25 -14.15 1.81
C GLY A 34 15.74 -14.14 3.25
N ALA A 35 16.24 -13.21 4.08
CA ALA A 35 15.75 -13.09 5.44
C ALA A 35 14.28 -12.68 5.46
N ARG A 36 13.52 -13.29 6.37
CA ARG A 36 12.08 -13.06 6.45
C ARG A 36 11.66 -13.19 7.91
N TYR A 37 10.90 -12.20 8.40
CA TYR A 37 10.35 -12.24 9.75
C TYR A 37 8.91 -11.75 9.71
N GLY A 38 8.08 -12.27 10.60
CA GLY A 38 6.75 -11.69 10.76
C GLY A 38 5.79 -12.63 11.50
N HIS A 39 4.53 -12.51 11.12
CA HIS A 39 3.42 -13.07 11.89
C HIS A 39 2.16 -13.00 11.04
N ARG A 40 1.42 -14.12 10.96
CA ARG A 40 0.22 -14.23 10.11
C ARG A 40 0.50 -13.77 8.68
N MET A 41 1.68 -14.13 8.17
CA MET A 41 2.17 -13.58 6.91
C MET A 41 1.35 -14.03 5.71
N ASP A 42 0.62 -15.14 5.82
CA ASP A 42 -0.22 -15.63 4.73
C ASP A 42 -1.72 -15.55 5.03
N GLU A 43 -2.13 -14.95 6.15
CA GLU A 43 -3.56 -14.76 6.37
C GLU A 43 -4.07 -13.57 5.55
N ARG A 44 -5.39 -13.60 5.28
CA ARG A 44 -6.02 -12.52 4.54
C ARG A 44 -6.38 -11.37 5.48
N PHE A 45 -6.06 -10.15 5.04
CA PHE A 45 -6.38 -8.91 5.73
C PHE A 45 -7.04 -7.96 4.74
N PRO A 46 -7.98 -7.13 5.20
CA PRO A 46 -8.51 -6.07 4.32
C PRO A 46 -7.39 -5.11 3.91
N MET A 47 -7.29 -4.88 2.60
CA MET A 47 -6.30 -3.95 2.09
C MET A 47 -6.57 -2.52 2.54
N CYS A 48 -7.84 -2.11 2.53
CA CYS A 48 -8.19 -0.70 2.74
C CYS A 48 -7.48 0.09 1.64
N SER A 49 -6.91 1.26 1.98
CA SER A 49 -6.31 2.12 0.98
C SER A 49 -5.00 1.58 0.44
N THR A 50 -4.43 0.52 1.03
CA THR A 50 -3.18 -0.01 0.46
C THR A 50 -3.39 -0.62 -0.91
N VAL A 51 -4.64 -0.90 -1.29
CA VAL A 51 -4.91 -1.32 -2.66
C VAL A 51 -4.47 -0.26 -3.66
N LYS A 52 -4.32 0.99 -3.22
CA LYS A 52 -3.88 2.04 -4.14
C LYS A 52 -2.46 1.82 -4.65
N PHE A 53 -1.63 1.10 -3.90
CA PHE A 53 -0.27 0.86 -4.39
C PHE A 53 -0.25 -0.07 -5.61
N PRO A 54 -0.85 -1.27 -5.58
CA PRO A 54 -0.92 -2.05 -6.83
C PRO A 54 -1.71 -1.34 -7.92
N LEU A 55 -2.71 -0.54 -7.56
CA LEU A 55 -3.43 0.24 -8.58
C LEU A 55 -2.47 1.13 -9.36
N ALA A 56 -1.61 1.85 -8.64
CA ALA A 56 -0.64 2.74 -9.29
C ALA A 56 0.32 1.95 -10.17
N ALA A 57 0.79 0.79 -9.68
CA ALA A 57 1.71 -0.02 -10.46
C ALA A 57 1.04 -0.52 -11.73
N ALA A 58 -0.22 -0.94 -11.64
CA ALA A 58 -0.98 -1.38 -12.81
C ALA A 58 -1.08 -0.28 -13.85
N ILE A 59 -1.33 0.97 -13.39
CA ILE A 59 -1.35 2.12 -14.29
C ILE A 59 -0.01 2.29 -14.99
N LEU A 60 1.09 2.27 -14.21
CA LEU A 60 2.41 2.50 -14.79
C LEU A 60 2.79 1.41 -15.78
N HIS A 61 2.38 0.16 -15.50
CA HIS A 61 2.64 -0.94 -16.40
C HIS A 61 1.96 -0.72 -17.75
N ARG A 62 0.71 -0.24 -17.72
CA ARG A 62 0.01 0.06 -18.96
C ARG A 62 0.63 1.25 -19.69
N VAL A 63 1.19 2.21 -18.94
CA VAL A 63 1.93 3.31 -19.55
C VAL A 63 3.20 2.82 -20.22
N ASP A 64 3.94 1.93 -19.53
CA ASP A 64 5.15 1.35 -20.11
C ASP A 64 4.84 0.57 -21.38
N ALA A 65 3.66 -0.04 -21.47
CA ALA A 65 3.27 -0.82 -22.63
C ALA A 65 2.68 0.02 -23.75
N GLY A 66 2.65 1.34 -23.59
CA GLY A 66 2.07 2.22 -24.59
C GLY A 66 0.55 2.24 -24.65
N LYS A 67 -0.14 1.52 -23.77
CA LYS A 67 -1.61 1.53 -23.78
C LYS A 67 -2.18 2.70 -23.00
N LEU A 68 -1.32 3.53 -22.40
CA LEU A 68 -1.72 4.64 -21.54
C LEU A 68 -0.60 5.66 -21.56
N SER A 69 -0.95 6.90 -21.28
CA SER A 69 0.05 7.94 -21.09
C SER A 69 -0.14 8.58 -19.72
N LEU A 70 0.98 8.85 -19.03
CA LEU A 70 0.92 9.57 -17.77
C LEU A 70 0.40 10.99 -17.98
N ASP A 71 0.50 11.50 -19.20
CA ASP A 71 0.10 12.86 -19.50
C ASP A 71 -1.29 12.96 -20.09
N GLN A 72 -1.96 11.84 -20.35
CA GLN A 72 -3.34 11.88 -20.77
C GLN A 72 -4.21 12.31 -19.59
N ARG A 73 -5.35 12.91 -19.89
CA ARG A 73 -6.12 13.60 -18.87
C ARG A 73 -7.49 12.96 -18.71
N VAL A 74 -7.89 12.78 -17.46
CA VAL A 74 -9.16 12.15 -17.11
C VAL A 74 -10.11 13.24 -16.63
N ALA A 75 -11.34 13.23 -17.15
CA ALA A 75 -12.32 14.25 -16.74
C ALA A 75 -12.86 13.96 -15.36
N VAL A 76 -13.11 15.02 -14.60
CA VAL A 76 -13.62 14.92 -13.24
C VAL A 76 -15.00 15.54 -13.21
N ARG A 77 -15.98 14.78 -12.73
CA ARG A 77 -17.36 15.22 -12.66
C ARG A 77 -17.76 15.27 -11.21
N GLN A 78 -18.83 16.02 -10.92
CA GLN A 78 -19.22 16.16 -9.51
C GLN A 78 -19.58 14.81 -8.91
N GLY A 79 -20.22 13.93 -9.70
CA GLY A 79 -20.61 12.62 -9.20
C GLY A 79 -19.46 11.71 -8.85
N ASP A 80 -18.24 12.02 -9.32
CA ASP A 80 -17.03 11.27 -9.00
C ASP A 80 -16.52 11.55 -7.59
N ILE A 81 -16.89 12.68 -7.00
CA ILE A 81 -16.30 13.12 -5.73
C ILE A 81 -16.93 12.34 -4.58
N ILE A 82 -16.08 11.81 -3.72
CA ILE A 82 -16.50 11.09 -2.52
C ILE A 82 -15.63 11.58 -1.37
N SER A 83 -15.90 11.06 -0.17
CA SER A 83 -15.22 11.55 1.02
C SER A 83 -13.71 11.39 0.93
N HIS A 84 -12.99 12.34 1.51
CA HIS A 84 -11.53 12.32 1.60
C HIS A 84 -10.87 12.26 0.22
N SER A 85 -11.21 13.25 -0.61
CA SER A 85 -10.66 13.41 -1.96
C SER A 85 -10.10 14.83 -2.12
N PRO A 86 -9.00 15.15 -1.42
CA PRO A 86 -8.59 16.57 -1.31
C PRO A 86 -8.14 17.18 -2.63
N PHE A 87 -7.59 16.39 -3.54
CA PHE A 87 -7.11 16.97 -4.79
C PHE A 87 -8.16 16.90 -5.89
N THR A 88 -8.80 15.75 -6.06
CA THR A 88 -9.79 15.60 -7.13
C THR A 88 -10.98 16.53 -6.93
N GLU A 89 -11.35 16.86 -5.70
CA GLU A 89 -12.49 17.75 -5.48
C GLU A 89 -12.25 19.16 -6.02
N ARG A 90 -10.99 19.55 -6.27
CA ARG A 90 -10.68 20.86 -6.83
C ARG A 90 -10.77 20.90 -8.34
N HIS A 91 -11.01 19.77 -9.01
CA HIS A 91 -10.94 19.74 -10.46
C HIS A 91 -12.26 19.34 -11.12
N VAL A 92 -13.37 19.39 -10.38
CA VAL A 92 -14.69 19.13 -10.95
C VAL A 92 -14.94 20.09 -12.10
N GLY A 93 -15.30 19.53 -13.26
CA GLY A 93 -15.53 20.32 -14.47
C GLY A 93 -14.32 20.48 -15.36
N LYS A 94 -13.16 19.99 -14.95
CA LYS A 94 -11.98 19.98 -15.80
C LYS A 94 -11.37 18.58 -15.71
N ASP A 95 -10.11 18.44 -16.05
CA ASP A 95 -9.48 17.14 -16.05
C ASP A 95 -8.16 17.20 -15.29
N MET A 96 -7.59 16.02 -15.05
CA MET A 96 -6.32 15.87 -14.37
C MET A 96 -5.49 14.84 -15.12
N THR A 97 -4.17 15.02 -15.11
CA THR A 97 -3.32 14.01 -15.74
C THR A 97 -3.36 12.73 -14.93
N VAL A 98 -3.12 11.61 -15.60
CA VAL A 98 -3.06 10.34 -14.91
C VAL A 98 -1.96 10.37 -13.84
N ARG A 99 -0.81 10.97 -14.17
CA ARG A 99 0.31 11.05 -13.24
C ARG A 99 -0.09 11.79 -11.96
N ASP A 100 -0.78 12.92 -12.11
CA ASP A 100 -1.26 13.64 -10.93
C ASP A 100 -2.33 12.86 -10.19
N LEU A 101 -3.18 12.10 -10.91
CA LEU A 101 -4.15 11.24 -10.23
C LEU A 101 -3.45 10.19 -9.38
N CYS A 102 -2.43 9.53 -9.97
CA CYS A 102 -1.65 8.54 -9.23
C CYS A 102 -1.04 9.14 -7.97
N ARG A 103 -0.37 10.30 -8.11
CA ARG A 103 0.30 10.91 -6.98
C ARG A 103 -0.69 11.25 -5.86
N ALA A 104 -1.84 11.83 -6.23
CA ALA A 104 -2.85 12.18 -5.23
C ALA A 104 -3.35 10.95 -4.49
N THR A 105 -3.72 9.89 -5.21
CA THR A 105 -4.24 8.71 -4.52
C THR A 105 -3.17 8.08 -3.63
N LEU A 106 -1.90 8.16 -4.04
CA LEU A 106 -0.86 7.51 -3.25
C LEU A 106 -0.47 8.33 -2.01
N ILE A 107 -0.12 9.60 -2.18
CA ILE A 107 0.59 10.29 -1.11
C ILE A 107 -0.38 10.90 -0.09
N ILE A 108 -1.61 11.21 -0.48
CA ILE A 108 -2.58 11.71 0.47
C ILE A 108 -3.82 10.83 0.55
N SER A 109 -3.87 9.74 -0.22
CA SER A 109 -5.00 8.82 -0.25
C SER A 109 -6.28 9.53 -0.71
N ASP A 110 -6.17 10.22 -1.84
CA ASP A 110 -7.34 10.73 -2.56
C ASP A 110 -8.19 9.55 -3.01
N ASN A 111 -9.43 9.47 -2.50
CA ASN A 111 -10.27 8.31 -2.78
C ASN A 111 -10.90 8.40 -4.17
N ALA A 112 -11.39 9.58 -4.56
CA ALA A 112 -11.94 9.70 -5.91
C ALA A 112 -10.88 9.49 -6.96
N ALA A 113 -9.63 9.86 -6.67
CA ALA A 113 -8.53 9.65 -7.60
C ALA A 113 -8.39 8.16 -7.93
N ALA A 114 -8.41 7.32 -6.88
CA ALA A 114 -8.44 5.88 -7.08
C ALA A 114 -9.59 5.47 -7.99
N ASN A 115 -10.81 5.96 -7.71
CA ASN A 115 -11.96 5.59 -8.52
C ASN A 115 -11.82 6.08 -9.95
N LEU A 116 -11.09 7.17 -10.18
CA LEU A 116 -10.93 7.62 -11.56
C LEU A 116 -9.85 6.83 -12.28
N LEU A 117 -8.89 6.28 -11.54
CA LEU A 117 -7.83 5.49 -12.16
C LEU A 117 -8.28 4.08 -12.49
N LEU A 118 -9.07 3.46 -11.60
CA LEU A 118 -9.48 2.07 -11.78
C LEU A 118 -10.02 1.75 -13.17
N PRO A 119 -10.89 2.56 -13.79
CA PRO A 119 -11.41 2.16 -15.12
C PRO A 119 -10.35 2.14 -16.20
N LEU A 120 -9.21 2.79 -15.98
CA LEU A 120 -8.14 2.79 -16.97
C LEU A 120 -7.42 1.44 -17.00
N ILE A 121 -7.54 0.65 -15.96
CA ILE A 121 -6.95 -0.70 -15.94
C ILE A 121 -8.04 -1.76 -15.85
N ASP A 122 -9.27 -1.41 -16.27
CA ASP A 122 -10.42 -2.31 -16.29
C ASP A 122 -10.88 -2.70 -14.89
N GLY A 123 -10.89 -1.73 -13.97
CA GLY A 123 -11.56 -1.87 -12.70
C GLY A 123 -10.91 -2.86 -11.75
N PRO A 124 -11.62 -3.21 -10.68
CA PRO A 124 -11.03 -4.12 -9.67
C PRO A 124 -10.69 -5.49 -10.20
N ALA A 125 -11.52 -6.05 -11.09
CA ALA A 125 -11.19 -7.30 -11.75
C ALA A 125 -9.95 -7.16 -12.60
N GLY A 126 -9.80 -6.02 -13.30
CA GLY A 126 -8.59 -5.79 -14.07
C GLY A 126 -7.36 -5.63 -13.21
N LEU A 127 -7.50 -4.98 -12.05
CA LEU A 127 -6.39 -4.91 -11.11
C LEU A 127 -5.98 -6.29 -10.64
N THR A 128 -6.97 -7.12 -10.30
CA THR A 128 -6.70 -8.48 -9.84
C THR A 128 -6.00 -9.30 -10.92
N ALA A 129 -6.43 -9.16 -12.18
CA ALA A 129 -5.78 -9.89 -13.26
C ALA A 129 -4.32 -9.45 -13.41
N PHE A 130 -4.07 -8.15 -13.34
CA PHE A 130 -2.70 -7.66 -13.41
C PHE A 130 -1.85 -8.29 -12.32
N LEU A 131 -2.33 -8.25 -11.08
CA LEU A 131 -1.60 -8.86 -9.98
C LEU A 131 -1.33 -10.33 -10.23
N GLN A 132 -2.34 -11.07 -10.75
CA GLN A 132 -2.14 -12.49 -11.04
C GLN A 132 -1.07 -12.69 -12.10
N ALA A 133 -1.18 -11.99 -13.22
CA ALA A 133 -0.14 -12.07 -14.25
C ALA A 133 1.25 -11.78 -13.69
N GLN A 134 1.36 -10.84 -12.74
CA GLN A 134 2.68 -10.50 -12.20
C GLN A 134 3.15 -11.44 -11.11
N GLY A 135 2.32 -12.39 -10.69
CA GLY A 135 2.70 -13.41 -9.73
C GLY A 135 1.97 -13.38 -8.41
N ASP A 136 1.13 -12.39 -8.13
CA ASP A 136 0.37 -12.33 -6.88
C ASP A 136 -0.99 -12.98 -7.10
N ARG A 137 -1.18 -14.18 -6.54
CA ARG A 137 -2.41 -14.93 -6.70
C ARG A 137 -3.27 -14.93 -5.45
N ILE A 138 -2.88 -14.17 -4.44
CA ILE A 138 -3.62 -14.01 -3.21
C ILE A 138 -4.50 -12.77 -3.25
N THR A 139 -3.93 -11.64 -3.60
CA THR A 139 -4.65 -10.37 -3.53
C THR A 139 -5.84 -10.40 -4.45
N VAL A 140 -6.99 -9.98 -3.93
CA VAL A 140 -8.23 -9.91 -4.70
C VAL A 140 -8.80 -8.51 -4.55
N SER A 141 -8.86 -7.78 -5.65
CA SER A 141 -9.44 -6.46 -5.67
C SER A 141 -10.83 -6.56 -6.30
N ALA A 142 -11.85 -6.24 -5.52
CA ALA A 142 -13.23 -6.52 -5.91
C ALA A 142 -14.09 -5.27 -6.09
N ARG A 143 -13.95 -4.26 -5.25
CA ARG A 143 -14.83 -3.10 -5.27
C ARG A 143 -13.99 -1.83 -5.36
N ASN A 144 -14.65 -0.72 -5.67
CA ASN A 144 -13.96 0.56 -5.64
C ASN A 144 -14.27 1.30 -4.34
N GLN A 145 -13.94 2.57 -4.29
CA GLN A 145 -14.13 3.27 -3.02
C GLN A 145 -15.56 3.80 -2.94
N PRO A 146 -16.18 3.80 -1.75
CA PRO A 146 -15.62 3.43 -0.45
C PRO A 146 -15.79 1.96 -0.07
N GLU A 147 -16.51 1.18 -0.87
CA GLU A 147 -16.89 -0.15 -0.37
C GLU A 147 -15.76 -1.16 -0.38
N LEU A 148 -14.61 -0.82 -0.97
CA LEU A 148 -13.47 -1.72 -0.82
C LEU A 148 -12.98 -1.80 0.62
N ASN A 149 -13.40 -0.87 1.49
CA ASN A 149 -12.98 -0.91 2.87
C ASN A 149 -13.81 -1.85 3.74
N HIS A 150 -14.88 -2.41 3.18
CA HIS A 150 -15.64 -3.43 3.89
C HIS A 150 -14.80 -4.71 4.02
N PHE A 151 -14.85 -5.32 5.20
CA PHE A 151 -14.20 -6.59 5.45
C PHE A 151 -15.11 -7.46 6.31
N ALA A 152 -15.20 -8.75 5.95
CA ALA A 152 -15.82 -9.77 6.77
C ALA A 152 -14.91 -10.98 6.68
N PRO A 153 -14.56 -11.61 7.80
CA PRO A 153 -13.82 -12.88 7.74
C PRO A 153 -14.47 -13.88 6.80
N GLY A 154 -13.64 -14.65 6.09
CA GLY A 154 -14.09 -15.56 5.07
C GLY A 154 -14.48 -14.92 3.76
N ASP A 155 -14.63 -13.60 3.73
CA ASP A 155 -14.97 -12.87 2.51
C ASP A 155 -13.68 -12.31 1.93
N PRO A 156 -13.14 -12.88 0.84
CA PRO A 156 -11.81 -12.51 0.36
C PRO A 156 -11.73 -11.17 -0.37
N ARG A 157 -12.88 -10.54 -0.65
CA ARG A 157 -12.88 -9.34 -1.48
C ARG A 157 -12.07 -8.21 -0.85
N ASP A 158 -11.20 -7.61 -1.65
CA ASP A 158 -10.37 -6.47 -1.25
C ASP A 158 -9.43 -6.82 -0.11
N THR A 159 -9.01 -8.08 -0.07
CA THR A 159 -8.04 -8.56 0.91
C THR A 159 -6.72 -8.89 0.22
N THR A 160 -5.66 -8.86 1.03
CA THR A 160 -4.34 -9.29 0.64
C THR A 160 -3.75 -10.01 1.84
N SER A 161 -2.48 -10.37 1.75
CA SER A 161 -1.74 -10.94 2.86
C SER A 161 -0.44 -10.17 3.03
N PRO A 162 0.13 -10.16 4.23
CA PRO A 162 1.41 -9.44 4.41
C PRO A 162 2.49 -9.91 3.47
N ALA A 163 2.57 -11.22 3.24
CA ALA A 163 3.56 -11.74 2.30
C ALA A 163 3.27 -11.27 0.89
N ALA A 164 2.00 -11.31 0.46
CA ALA A 164 1.65 -10.93 -0.91
C ALA A 164 2.03 -9.48 -1.18
N MET A 165 1.75 -8.59 -0.23
CA MET A 165 2.01 -7.17 -0.44
C MET A 165 3.48 -6.83 -0.29
N ALA A 166 4.22 -7.54 0.57
CA ALA A 166 5.67 -7.42 0.53
C ALA A 166 6.19 -7.88 -0.83
N GLY A 167 5.65 -8.99 -1.35
CA GLY A 167 6.00 -9.42 -2.70
C GLY A 167 5.76 -8.34 -3.74
N ASN A 168 4.61 -7.68 -3.67
CA ASN A 168 4.28 -6.65 -4.64
C ASN A 168 5.21 -5.45 -4.54
N LEU A 169 5.62 -5.09 -3.31
CA LEU A 169 6.62 -4.04 -3.16
C LEU A 169 7.90 -4.42 -3.89
N GLN A 170 8.33 -5.68 -3.73
CA GLN A 170 9.54 -6.15 -4.41
C GLN A 170 9.36 -6.13 -5.92
N ARG A 171 8.24 -6.66 -6.41
CA ARG A 171 8.03 -6.75 -7.86
C ARG A 171 8.10 -5.38 -8.51
N PHE A 172 7.41 -4.42 -7.92
CA PHE A 172 7.13 -3.17 -8.60
C PHE A 172 8.17 -2.10 -8.32
N LEU A 173 8.87 -2.18 -7.19
CA LEU A 173 9.91 -1.21 -6.88
C LEU A 173 11.32 -1.71 -7.15
N LEU A 174 11.55 -3.02 -6.99
CA LEU A 174 12.90 -3.58 -7.05
C LEU A 174 13.16 -4.44 -8.27
N GLY A 175 12.17 -5.20 -8.74
CA GLY A 175 12.33 -5.97 -9.96
C GLY A 175 12.16 -5.09 -11.17
N ASP A 176 11.98 -5.71 -12.32
CA ASP A 176 11.73 -4.91 -13.52
C ASP A 176 10.40 -5.28 -14.17
N VAL A 177 9.36 -5.44 -13.34
CA VAL A 177 8.00 -5.29 -13.86
C VAL A 177 7.87 -3.96 -14.60
N LEU A 178 8.41 -2.90 -14.02
CA LEU A 178 8.24 -1.56 -14.57
C LEU A 178 9.54 -1.07 -15.20
N SER A 179 9.39 -0.14 -16.16
CA SER A 179 10.56 0.54 -16.71
C SER A 179 11.29 1.29 -15.59
N PRO A 180 12.59 1.54 -15.76
CA PRO A 180 13.32 2.27 -14.70
C PRO A 180 12.72 3.62 -14.36
N ALA A 181 12.22 4.37 -15.34
CA ALA A 181 11.59 5.64 -15.03
C ALA A 181 10.34 5.42 -14.18
N SER A 182 9.50 4.45 -14.58
CA SER A 182 8.27 4.19 -13.84
C SER A 182 8.55 3.68 -12.44
N ARG A 183 9.49 2.75 -12.28
CA ARG A 183 9.73 2.21 -10.95
C ARG A 183 10.33 3.26 -10.02
N GLN A 184 11.13 4.20 -10.56
CA GLN A 184 11.65 5.28 -9.71
C GLN A 184 10.60 6.35 -9.42
N GLN A 185 9.69 6.63 -10.36
CA GLN A 185 8.58 7.55 -10.07
C GLN A 185 7.67 6.97 -9.00
N LEU A 186 7.40 5.66 -9.10
CA LEU A 186 6.57 5.00 -8.10
C LEU A 186 7.22 5.08 -6.73
N ALA A 187 8.55 4.91 -6.70
CA ALA A 187 9.29 5.01 -5.45
C ALA A 187 9.21 6.42 -4.86
N ASP A 188 9.40 7.43 -5.70
CA ASP A 188 9.35 8.81 -5.25
C ASP A 188 7.98 9.14 -4.66
N TRP A 189 6.92 8.57 -5.24
CA TRP A 189 5.58 8.79 -4.69
C TRP A 189 5.47 8.20 -3.29
N LEU A 190 5.92 6.95 -3.11
CA LEU A 190 5.91 6.37 -1.78
C LEU A 190 6.77 7.17 -0.82
N ILE A 191 7.93 7.65 -1.29
CA ILE A 191 8.80 8.43 -0.41
C ILE A 191 8.11 9.71 0.04
N ASP A 192 7.21 10.24 -0.81
CA ASP A 192 6.50 11.48 -0.53
C ASP A 192 5.19 11.25 0.20
N ASN A 193 4.95 10.03 0.70
CA ASN A 193 3.71 9.75 1.40
C ASN A 193 3.53 10.72 2.56
N GLN A 194 2.29 11.21 2.71
CA GLN A 194 1.94 12.21 3.71
C GLN A 194 1.19 11.65 4.91
N THR A 195 0.89 10.34 4.93
CA THR A 195 -0.05 9.79 5.90
C THR A 195 0.57 8.82 6.88
N GLY A 196 1.88 8.67 6.87
CA GLY A 196 2.49 7.60 7.62
C GLY A 196 3.48 8.07 8.67
N ASP A 197 3.45 9.37 9.01
CA ASP A 197 4.45 9.91 9.93
C ASP A 197 4.30 9.33 11.34
N ALA A 198 3.10 8.92 11.74
CA ALA A 198 2.92 8.38 13.09
C ALA A 198 2.99 6.86 13.12
N ARG A 199 3.35 6.23 12.00
CA ARG A 199 3.17 4.79 11.80
C ARG A 199 4.56 4.16 11.70
N LEU A 200 4.83 3.29 10.72
CA LEU A 200 6.12 2.58 10.70
C LEU A 200 7.31 3.54 10.75
N ARG A 201 7.20 4.71 10.10
CA ARG A 201 8.30 5.68 10.09
C ARG A 201 8.70 6.12 11.49
N ALA A 202 7.72 6.24 12.41
CA ALA A 202 8.02 6.75 13.75
C ALA A 202 8.82 5.75 14.59
N GLY A 203 8.86 4.48 14.19
CA GLY A 203 9.58 3.49 14.97
C GLY A 203 10.87 3.07 14.31
N LEU A 204 11.04 3.45 13.06
CA LEU A 204 12.18 2.96 12.31
C LEU A 204 13.44 3.74 12.65
N PRO A 205 14.60 3.11 12.57
CA PRO A 205 15.84 3.78 12.96
C PRO A 205 16.32 4.76 11.91
N GLN A 206 17.15 5.71 12.37
CA GLN A 206 17.82 6.61 11.46
C GLN A 206 18.70 5.83 10.49
N GLY A 207 18.90 6.41 9.32
CA GLY A 207 19.71 5.78 8.28
C GLY A 207 18.95 5.00 7.23
N TRP A 208 17.62 5.08 7.22
CA TRP A 208 16.80 4.36 6.27
C TRP A 208 15.80 5.32 5.64
N ARG A 209 15.78 5.36 4.31
CA ARG A 209 14.74 6.08 3.58
C ARG A 209 13.50 5.21 3.51
N VAL A 210 12.35 5.77 3.85
CA VAL A 210 11.09 5.05 3.87
C VAL A 210 10.20 5.55 2.74
N GLY A 211 9.65 4.62 1.98
CA GLY A 211 8.49 4.89 1.15
C GLY A 211 7.38 3.98 1.66
N ASP A 212 6.18 4.53 1.81
CA ASP A 212 5.10 3.71 2.34
C ASP A 212 3.76 4.16 1.79
N LYS A 213 2.76 3.30 2.03
CA LYS A 213 1.35 3.57 1.71
C LYS A 213 0.50 3.00 2.83
N THR A 214 -0.45 3.79 3.32
CA THR A 214 -1.25 3.44 4.49
C THR A 214 -2.70 3.17 4.10
N GLY A 215 -3.45 2.72 5.10
CA GLY A 215 -4.89 2.68 5.01
C GLY A 215 -5.45 2.55 6.41
N SER A 216 -6.72 2.94 6.56
CA SER A 216 -7.46 2.86 7.82
C SER A 216 -8.94 2.87 7.52
N ASN A 217 -9.71 2.06 8.25
CA ASN A 217 -11.17 2.14 8.13
C ASN A 217 -11.79 3.08 9.15
N GLY A 218 -10.97 3.75 9.96
CA GLY A 218 -11.47 4.73 10.90
C GLY A 218 -12.07 4.17 12.19
N GLN A 219 -12.04 2.87 12.40
CA GLN A 219 -12.66 2.29 13.59
C GLN A 219 -11.80 1.20 14.21
N ASP A 220 -11.31 0.25 13.40
CA ASP A 220 -10.57 -0.86 14.01
C ASP A 220 -9.44 -1.41 13.17
N THR A 221 -9.10 -0.80 12.03
CA THR A 221 -8.08 -1.34 11.14
C THR A 221 -7.14 -0.25 10.66
N SER A 222 -5.84 -0.54 10.67
CA SER A 222 -4.82 0.33 10.12
C SER A 222 -3.72 -0.52 9.51
N ASN A 223 -3.34 -0.16 8.28
CA ASN A 223 -2.34 -0.87 7.48
C ASN A 223 -1.26 0.10 7.04
N ASP A 224 -0.04 -0.43 6.89
CA ASP A 224 1.09 0.38 6.42
C ASP A 224 2.07 -0.57 5.75
N ILE A 225 2.33 -0.35 4.46
CA ILE A 225 3.31 -1.12 3.70
C ILE A 225 4.42 -0.19 3.24
N ALA A 226 5.67 -0.67 3.32
CA ALA A 226 6.82 0.22 3.17
C ALA A 226 7.98 -0.48 2.47
N ALA A 227 8.77 0.32 1.74
CA ALA A 227 10.11 -0.05 1.32
C ALA A 227 11.12 0.73 2.15
N LEU A 228 12.20 0.05 2.53
CA LEU A 228 13.22 0.63 3.40
C LEU A 228 14.54 0.58 2.65
N TRP A 229 14.98 1.74 2.12
CA TRP A 229 16.30 1.78 1.48
C TRP A 229 17.32 2.29 2.48
N PRO A 230 18.44 1.61 2.63
CA PRO A 230 19.53 2.14 3.47
C PRO A 230 20.13 3.38 2.81
N LEU A 231 20.12 4.50 3.54
CA LEU A 231 20.72 5.71 3.01
C LEU A 231 22.18 5.49 2.64
N ALA A 232 22.86 4.61 3.38
CA ALA A 232 24.22 4.20 3.03
C ALA A 232 24.30 3.48 1.68
N GLY A 233 23.17 3.31 0.99
CA GLY A 233 23.14 2.49 -0.21
C GLY A 233 23.16 1.01 0.14
N GLY A 234 22.81 0.15 -0.79
CA GLY A 234 22.73 -1.27 -0.53
C GLY A 234 21.30 -1.77 -0.60
N ALA A 235 21.13 -3.05 -0.27
CA ALA A 235 19.91 -3.80 -0.62
C ALA A 235 18.76 -3.42 0.31
N PRO A 236 17.60 -3.05 -0.22
CA PRO A 236 16.48 -2.64 0.63
C PRO A 236 15.71 -3.82 1.24
N TRP A 237 14.98 -3.49 2.30
CA TRP A 237 14.02 -4.36 2.97
C TRP A 237 12.61 -3.91 2.61
N LEU A 238 11.66 -4.84 2.67
CA LEU A 238 10.25 -4.52 2.52
C LEU A 238 9.52 -4.85 3.81
N LEU A 239 8.55 -4.02 4.17
CA LEU A 239 7.89 -4.16 5.46
C LEU A 239 6.39 -3.98 5.27
N SER A 240 5.64 -5.05 5.53
CA SER A 240 4.23 -5.14 5.23
C SER A 240 3.49 -5.33 6.54
N CYS A 241 2.57 -4.43 6.88
CA CYS A 241 1.91 -4.49 8.18
C CYS A 241 0.41 -4.24 8.07
N TYR A 242 -0.38 -5.20 8.57
CA TYR A 242 -1.84 -5.12 8.55
C TYR A 242 -2.36 -5.42 9.94
N LEU A 243 -3.13 -4.50 10.51
CA LEU A 243 -3.69 -4.63 11.84
C LEU A 243 -5.20 -4.50 11.68
N GLN A 244 -5.91 -5.61 11.89
CA GLN A 244 -7.33 -5.69 11.60
C GLN A 244 -8.09 -6.06 12.88
N GLY A 245 -9.27 -5.46 13.04
CA GLY A 245 -10.16 -5.76 14.16
C GLY A 245 -9.54 -5.52 15.51
N SER A 246 -8.80 -4.42 15.65
CA SER A 246 -8.19 -4.08 16.92
C SER A 246 -9.17 -3.28 17.77
N ALA A 247 -9.02 -3.41 19.09
CA ALA A 247 -9.77 -2.59 20.02
C ALA A 247 -9.22 -1.18 20.11
N LEU A 248 -8.02 -0.97 19.58
CA LEU A 248 -7.36 0.32 19.63
C LEU A 248 -7.86 1.18 18.48
N ASP A 249 -7.98 2.49 18.73
CA ASP A 249 -8.40 3.43 17.71
C ASP A 249 -7.21 3.77 16.82
N ASP A 250 -7.38 4.78 15.96
CA ASP A 250 -6.34 5.08 14.97
C ASP A 250 -5.03 5.48 15.64
N ASP A 251 -5.10 6.32 16.68
CA ASP A 251 -3.87 6.67 17.37
C ASP A 251 -3.26 5.46 18.07
N GLY A 252 -4.11 4.63 18.68
CA GLY A 252 -3.61 3.41 19.29
C GLY A 252 -3.01 2.46 18.26
N ARG A 253 -3.69 2.27 17.14
CA ARG A 253 -3.16 1.41 16.10
C ARG A 253 -1.90 1.99 15.47
N ASP A 254 -1.83 3.32 15.35
CA ASP A 254 -0.56 3.95 14.99
C ASP A 254 0.57 3.52 15.92
N GLY A 255 0.29 3.49 17.22
CA GLY A 255 1.30 3.05 18.18
C GLY A 255 1.75 1.63 17.94
N ILE A 256 0.85 0.76 17.50
CA ILE A 256 1.26 -0.60 17.16
C ILE A 256 2.14 -0.58 15.92
N LEU A 257 1.69 0.11 14.87
CA LEU A 257 2.49 0.26 13.66
C LEU A 257 3.86 0.85 13.97
N ARG A 258 3.92 1.83 14.88
CA ARG A 258 5.19 2.39 15.29
C ARG A 258 6.08 1.32 15.92
N GLN A 259 5.50 0.45 16.76
CA GLN A 259 6.26 -0.59 17.42
C GLN A 259 6.70 -1.69 16.44
N VAL A 260 5.88 -1.96 15.43
CA VAL A 260 6.32 -2.84 14.34
C VAL A 260 7.56 -2.27 13.68
N GLY A 261 7.60 -0.95 13.50
CA GLY A 261 8.79 -0.33 12.96
C GLY A 261 9.99 -0.43 13.89
N GLU A 262 9.75 -0.42 15.20
CA GLU A 262 10.85 -0.53 16.15
C GLU A 262 11.44 -1.94 16.14
N LEU A 263 10.58 -2.96 16.08
CA LEU A 263 11.06 -4.34 16.00
C LEU A 263 11.82 -4.59 14.70
N ALA A 264 11.21 -4.23 13.57
CA ALA A 264 11.90 -4.34 12.28
C ALA A 264 13.23 -3.61 12.32
N GLY A 265 13.27 -2.44 12.97
CA GLY A 265 14.48 -1.65 12.99
C GLY A 265 15.64 -2.34 13.68
N ALA A 266 15.34 -3.18 14.67
CA ALA A 266 16.42 -3.88 15.37
C ALA A 266 17.01 -4.98 14.51
N ARG A 267 16.24 -5.51 13.57
CA ARG A 267 16.65 -6.62 12.72
C ARG A 267 17.18 -6.14 11.37
N LEU A 268 17.87 -5.00 11.34
CA LEU A 268 18.27 -4.43 10.05
C LEU A 268 19.79 -4.41 9.86
#